data_8ICV
#
_entry.id   8ICV
#
_cell.length_a   179.019
_cell.length_b   57.629
_cell.length_c   48.283
_cell.angle_alpha   90.00
_cell.angle_beta   90.00
_cell.angle_gamma   90.00
#
_symmetry.space_group_name_H-M   'P 21 21 2'
#
loop_
_entity.id
_entity.type
_entity.pdbx_description
1 polymer "DNA (5'-D(*CP*AP*TP*TP*AP*GP*AP*A)-3')"
2 polymer "DNA (5'-D(*TP*CP*TP*AP*AP*TP*GP*G)-3')"
3 polymer 'PROTEIN (DNA POLYMERASE BETA (E.C.2.7.7.7))'
4 non-polymer 'MANGANESE (II) ION'
5 non-polymer 'SODIUM ION'
6 non-polymer "2'-DEOXYGUANOSINE-5'-TRIPHOSPHATE"
7 water water
#
loop_
_entity_poly.entity_id
_entity_poly.type
_entity_poly.pdbx_seq_one_letter_code
_entity_poly.pdbx_strand_id
1 'polydeoxyribonucleotide' (DC)(DA)(DT)(DT)(DA)(DG)(DA)(DA) T
2 'polydeoxyribonucleotide' (DT)(DC)(DT)(DA)(DA)(DT)(DG)(DG) P
3 'polypeptide(L)'
;MSKRKAPQETLNGGITDMLTELANFEKNVSQAIHKYNAYRKAASVIAKYPHKIKSGAEAKKLPGVGTKIAEKIDEFLATG
KLRKLEKIRQDDTSSSINFLTRVSGIGPSAARKFVDEGIKTLEDLRKNEDKLNHHQRIGLKYFGDFEKRIPREEMLQMQD
IVLNEVKKVDSEYIATVCGSFRRGAESSGDMDVLLTHPSFTSESTKQPKLLHQVVEQLQKVHFITDTLSKGETKFMGVCQ
LPSKNDEKEYPHRRIDIRLIPKDQYYCGVLYFTGSDIFNKNMRAHALEKGFTINEYTIRPLGVTGVAGEPLPVDSEKDIF
DYIQWKYREPKDRSE
;
A
#
loop_
_chem_comp.id
_chem_comp.type
_chem_comp.name
_chem_comp.formula
DA DNA linking 2'-DEOXYADENOSINE-5'-MONOPHOSPHATE 'C10 H14 N5 O6 P'
DC DNA linking 2'-DEOXYCYTIDINE-5'-MONOPHOSPHATE 'C9 H14 N3 O7 P'
DG DNA linking 2'-DEOXYGUANOSINE-5'-MONOPHOSPHATE 'C10 H14 N5 O7 P'
DGT non-polymer 2'-DEOXYGUANOSINE-5'-TRIPHOSPHATE 'C10 H16 N5 O13 P3'
DT DNA linking THYMIDINE-5'-MONOPHOSPHATE 'C10 H15 N2 O8 P'
MN non-polymer 'MANGANESE (II) ION' 'Mn 2'
NA non-polymer 'SODIUM ION' 'Na 1'
#
# COMPACT_ATOMS: atom_id res chain seq x y z
N GLU C 9 -20.56 9.02 -5.88
CA GLU C 9 -20.15 7.66 -6.18
C GLU C 9 -20.32 7.30 -7.65
N THR C 10 -21.26 7.97 -8.30
CA THR C 10 -21.54 7.76 -9.73
C THR C 10 -22.08 9.06 -10.39
N LEU C 11 -22.83 9.79 -9.57
CA LEU C 11 -23.38 11.01 -10.05
C LEU C 11 -22.24 11.95 -10.33
N ASN C 12 -21.27 11.98 -9.44
CA ASN C 12 -20.24 12.89 -9.80
C ASN C 12 -18.94 12.31 -10.34
N GLY C 13 -19.06 11.13 -10.92
CA GLY C 13 -17.95 10.36 -11.51
C GLY C 13 -16.91 11.07 -12.40
N GLY C 14 -17.25 11.33 -13.70
CA GLY C 14 -16.40 11.98 -14.69
C GLY C 14 -15.72 13.16 -14.02
N ILE C 15 -16.48 13.84 -13.16
CA ILE C 15 -15.95 15.00 -12.45
C ILE C 15 -14.81 14.74 -11.60
N THR C 16 -15.03 13.98 -10.56
CA THR C 16 -13.93 13.65 -9.67
C THR C 16 -12.85 12.95 -10.50
N ASP C 17 -13.30 12.16 -11.47
CA ASP C 17 -12.39 11.46 -12.31
C ASP C 17 -11.43 12.31 -13.09
N MET C 18 -11.97 13.26 -13.79
CA MET C 18 -11.07 14.12 -14.55
C MET C 18 -10.24 14.87 -13.52
N LEU C 19 -10.90 15.14 -12.39
CA LEU C 19 -10.26 15.86 -11.32
C LEU C 19 -8.98 15.22 -10.91
N THR C 20 -9.09 13.92 -10.67
CA THR C 20 -7.92 13.16 -10.28
C THR C 20 -6.88 13.07 -11.44
N GLU C 21 -7.35 12.86 -12.69
CA GLU C 21 -6.50 12.78 -13.89
C GLU C 21 -5.53 13.94 -13.89
N LEU C 22 -6.11 15.10 -13.59
CA LEU C 22 -5.48 16.39 -13.49
C LEU C 22 -4.47 16.46 -12.34
N ALA C 23 -4.98 16.38 -11.10
CA ALA C 23 -4.21 16.45 -9.88
C ALA C 23 -2.98 15.61 -10.00
N ASN C 24 -3.23 14.35 -10.40
CA ASN C 24 -2.13 13.44 -10.55
C ASN C 24 -1.10 14.01 -11.44
N PHE C 25 -1.53 14.33 -12.62
CA PHE C 25 -0.60 14.90 -13.54
C PHE C 25 0.19 16.08 -12.99
N GLU C 26 -0.39 16.91 -12.13
CA GLU C 26 0.41 18.01 -11.62
C GLU C 26 1.64 17.46 -10.88
N LYS C 27 1.30 16.74 -9.84
CA LYS C 27 2.22 16.11 -8.94
C LYS C 27 3.31 15.24 -9.57
N ASN C 28 3.00 14.48 -10.65
CA ASN C 28 3.97 13.61 -11.32
C ASN C 28 4.72 14.39 -12.30
N VAL C 29 4.27 14.45 -13.56
CA VAL C 29 4.96 15.23 -14.62
C VAL C 29 5.42 16.59 -14.16
N SER C 30 4.66 17.26 -13.26
CA SER C 30 5.08 18.58 -12.78
C SER C 30 5.49 18.55 -11.33
N GLN C 31 5.91 19.56 -10.80
CA GLN C 31 6.24 19.31 -9.45
C GLN C 31 5.39 20.32 -8.70
N ALA C 32 4.11 20.41 -9.15
CA ALA C 32 3.11 21.34 -8.61
C ALA C 32 2.31 20.84 -7.48
N ILE C 33 3.01 20.43 -6.45
CA ILE C 33 2.45 19.88 -5.23
C ILE C 33 1.12 20.50 -4.83
N HIS C 34 1.05 21.82 -4.96
CA HIS C 34 -0.15 22.59 -4.63
C HIS C 34 -1.35 22.35 -5.55
N LYS C 35 -1.16 22.66 -6.86
CA LYS C 35 -2.18 22.48 -7.84
C LYS C 35 -2.58 21.04 -7.70
N TYR C 36 -1.56 20.28 -7.44
CA TYR C 36 -1.86 18.91 -7.28
C TYR C 36 -2.78 18.69 -6.09
N ASN C 37 -2.44 19.40 -5.04
CA ASN C 37 -3.13 19.38 -3.78
C ASN C 37 -4.52 20.00 -3.95
N ALA C 38 -4.60 20.98 -4.84
CA ALA C 38 -5.87 21.66 -5.16
C ALA C 38 -6.91 20.64 -5.78
N TYR C 39 -6.63 20.12 -7.00
CA TYR C 39 -7.48 19.17 -7.69
C TYR C 39 -7.99 18.05 -6.85
N ARG C 40 -7.27 17.81 -5.78
CA ARG C 40 -7.67 16.74 -4.90
C ARG C 40 -8.71 17.04 -3.88
N LYS C 41 -8.62 18.24 -3.30
CA LYS C 41 -9.64 18.58 -2.31
C LYS C 41 -10.97 18.69 -3.00
N ALA C 42 -10.86 19.37 -4.12
CA ALA C 42 -11.90 19.65 -5.07
C ALA C 42 -12.57 18.36 -5.50
N ALA C 43 -11.72 17.44 -5.96
CA ALA C 43 -12.22 16.17 -6.39
C ALA C 43 -12.81 15.50 -5.16
N SER C 44 -12.24 15.84 -4.00
CA SER C 44 -12.66 15.29 -2.71
C SER C 44 -14.03 15.70 -2.28
N VAL C 45 -14.33 16.97 -2.55
CA VAL C 45 -15.61 17.55 -2.18
C VAL C 45 -16.71 17.16 -3.10
N ILE C 46 -16.54 17.52 -4.41
CA ILE C 46 -17.51 17.25 -5.48
C ILE C 46 -17.95 15.79 -5.40
N ALA C 47 -17.05 15.00 -4.85
CA ALA C 47 -17.29 13.60 -4.66
C ALA C 47 -18.38 13.42 -3.61
N LYS C 48 -18.32 14.21 -2.54
CA LYS C 48 -19.31 14.14 -1.47
C LYS C 48 -20.69 14.73 -1.80
N TYR C 49 -20.67 15.72 -2.71
CA TYR C 49 -21.86 16.42 -3.15
C TYR C 49 -22.85 15.45 -3.75
N PRO C 50 -24.02 15.63 -3.10
CA PRO C 50 -25.30 14.98 -3.24
C PRO C 50 -26.11 15.25 -4.46
N HIS C 51 -25.59 16.03 -5.41
CA HIS C 51 -26.41 16.27 -6.56
C HIS C 51 -25.62 16.35 -7.78
N LYS C 52 -26.29 16.17 -8.90
CA LYS C 52 -25.61 16.24 -10.16
C LYS C 52 -25.10 17.63 -10.42
N ILE C 53 -23.80 17.76 -10.43
CA ILE C 53 -23.31 19.08 -10.71
C ILE C 53 -23.68 19.40 -12.14
N LYS C 54 -24.31 20.56 -12.22
CA LYS C 54 -24.76 20.98 -13.53
C LYS C 54 -23.92 22.02 -14.26
N SER C 55 -23.05 22.64 -13.51
CA SER C 55 -22.24 23.64 -14.12
C SER C 55 -21.12 24.05 -13.20
N GLY C 56 -20.29 24.93 -13.69
CA GLY C 56 -19.20 25.34 -12.86
C GLY C 56 -19.69 26.02 -11.62
N ALA C 57 -20.49 27.02 -11.91
CA ALA C 57 -21.07 27.82 -10.87
C ALA C 57 -21.61 27.04 -9.66
N GLU C 58 -22.40 26.06 -9.99
CA GLU C 58 -23.01 25.22 -9.02
C GLU C 58 -22.01 24.61 -8.17
N ALA C 59 -20.96 24.20 -8.87
CA ALA C 59 -19.83 23.55 -8.31
C ALA C 59 -19.07 24.48 -7.46
N LYS C 60 -18.81 25.59 -8.15
CA LYS C 60 -18.06 26.69 -7.62
C LYS C 60 -18.35 27.05 -6.17
N LYS C 61 -19.64 27.02 -5.85
CA LYS C 61 -20.12 27.33 -4.52
C LYS C 61 -19.35 26.56 -3.43
N LEU C 62 -18.72 25.51 -3.89
CA LEU C 62 -17.98 24.68 -3.00
C LEU C 62 -16.63 25.24 -2.50
N PRO C 63 -16.35 24.73 -1.32
CA PRO C 63 -15.15 25.01 -0.67
C PRO C 63 -14.17 24.16 -1.49
N GLY C 64 -13.11 24.80 -1.88
CA GLY C 64 -12.08 24.16 -2.66
C GLY C 64 -12.35 24.45 -4.09
N VAL C 65 -13.60 24.79 -4.34
CA VAL C 65 -13.87 25.06 -5.69
C VAL C 65 -13.63 26.40 -6.16
N GLY C 66 -12.66 26.50 -6.99
CA GLY C 66 -12.41 27.81 -7.46
C GLY C 66 -12.82 27.94 -8.85
N THR C 67 -12.41 29.06 -9.37
CA THR C 67 -12.68 29.46 -10.73
C THR C 67 -12.01 28.65 -11.82
N LYS C 68 -10.83 28.08 -11.44
CA LYS C 68 -10.04 27.27 -12.37
C LYS C 68 -10.62 25.93 -12.66
N ILE C 69 -10.82 25.24 -11.56
CA ILE C 69 -11.40 23.96 -11.67
C ILE C 69 -12.79 24.08 -12.29
N ALA C 70 -13.58 24.98 -11.70
CA ALA C 70 -14.92 25.27 -12.12
C ALA C 70 -14.93 25.46 -13.59
N GLU C 71 -13.95 26.16 -14.01
CA GLU C 71 -13.84 26.42 -15.38
C GLU C 71 -13.76 25.21 -16.25
N LYS C 72 -12.95 24.26 -15.74
CA LYS C 72 -12.69 22.99 -16.40
C LYS C 72 -13.98 22.18 -16.47
N ILE C 73 -14.67 22.18 -15.34
CA ILE C 73 -15.92 21.48 -15.18
C ILE C 73 -16.86 21.77 -16.32
N ASP C 74 -16.96 23.03 -16.66
CA ASP C 74 -17.85 23.35 -17.74
C ASP C 74 -17.51 22.69 -19.03
N GLU C 75 -16.28 22.96 -19.43
CA GLU C 75 -15.76 22.42 -20.66
C GLU C 75 -16.01 20.96 -20.78
N PHE C 76 -15.95 20.33 -19.63
CA PHE C 76 -16.17 18.92 -19.60
C PHE C 76 -17.64 18.60 -19.57
N LEU C 77 -18.43 19.53 -19.00
CA LEU C 77 -19.83 19.18 -18.97
C LEU C 77 -20.36 19.41 -20.32
N ALA C 78 -19.92 20.53 -20.94
CA ALA C 78 -20.38 20.82 -22.27
C ALA C 78 -19.97 19.68 -23.23
N THR C 79 -18.64 19.52 -23.43
CA THR C 79 -18.06 18.47 -24.28
C THR C 79 -17.56 17.30 -23.45
N GLY C 80 -17.85 16.11 -23.86
CA GLY C 80 -17.41 15.01 -23.07
C GLY C 80 -15.90 14.88 -23.06
N LYS C 81 -15.15 15.99 -22.99
CA LYS C 81 -13.69 15.95 -22.95
C LYS C 81 -13.14 17.12 -22.23
N LEU C 82 -11.85 17.24 -22.39
CA LEU C 82 -11.05 18.30 -21.83
C LEU C 82 -9.76 18.48 -22.71
N ARG C 83 -9.38 19.69 -23.14
CA ARG C 83 -8.19 19.70 -23.96
C ARG C 83 -6.94 19.33 -23.20
N LYS C 84 -6.71 20.05 -22.10
CA LYS C 84 -5.57 19.86 -21.25
C LYS C 84 -5.42 18.40 -20.97
N LEU C 85 -6.52 17.79 -20.76
CA LEU C 85 -6.43 16.39 -20.51
C LEU C 85 -6.15 15.73 -21.82
N GLU C 86 -6.71 16.21 -22.88
CA GLU C 86 -6.44 15.58 -24.13
C GLU C 86 -5.01 15.70 -24.60
N LYS C 87 -4.37 16.83 -24.28
CA LYS C 87 -2.99 17.13 -24.62
C LYS C 87 -2.04 16.17 -23.82
N ILE C 88 -2.17 16.19 -22.47
CA ILE C 88 -1.41 15.36 -21.50
C ILE C 88 -1.45 13.86 -21.74
N ARG C 89 -2.53 13.43 -22.32
CA ARG C 89 -2.73 12.05 -22.58
C ARG C 89 -1.87 11.70 -23.76
N GLN C 90 -1.73 12.71 -24.63
CA GLN C 90 -0.95 12.62 -25.85
C GLN C 90 0.50 12.70 -25.55
N ASP C 91 0.90 13.85 -24.98
CA ASP C 91 2.32 14.15 -24.61
C ASP C 91 3.18 12.98 -24.20
N ASP C 92 4.08 12.70 -25.10
CA ASP C 92 4.92 11.61 -24.83
C ASP C 92 5.71 11.78 -23.58
N THR C 93 6.38 12.94 -23.44
CA THR C 93 7.15 13.21 -22.25
C THR C 93 6.34 12.91 -21.01
N SER C 94 5.13 13.36 -21.08
CA SER C 94 4.40 13.04 -19.94
C SER C 94 3.99 11.57 -19.91
N SER C 95 3.76 10.97 -21.08
CA SER C 95 3.39 9.54 -21.13
C SER C 95 4.50 8.72 -20.46
N SER C 96 5.71 9.14 -20.81
CA SER C 96 6.96 8.57 -20.35
C SER C 96 7.10 8.54 -18.88
N ILE C 97 6.94 9.68 -18.22
CA ILE C 97 7.06 9.68 -16.77
C ILE C 97 6.03 8.73 -16.14
N ASN C 98 4.89 8.66 -16.75
CA ASN C 98 3.89 7.83 -16.21
C ASN C 98 4.27 6.41 -16.19
N PHE C 99 4.96 6.03 -17.23
CA PHE C 99 5.44 4.66 -17.39
C PHE C 99 6.69 4.22 -16.54
N LEU C 100 7.78 4.98 -16.63
CA LEU C 100 9.02 4.70 -15.94
C LEU C 100 8.78 4.46 -14.49
N THR C 101 7.85 5.26 -14.00
CA THR C 101 7.43 5.22 -12.62
C THR C 101 7.03 3.83 -12.08
N ARG C 102 6.46 3.04 -12.98
CA ARG C 102 6.01 1.70 -12.68
C ARG C 102 7.11 0.79 -12.29
N VAL C 103 8.38 1.22 -12.51
CA VAL C 103 9.50 0.36 -12.16
C VAL C 103 9.67 0.38 -10.67
N SER C 104 9.78 -0.74 -10.03
CA SER C 104 9.90 -0.60 -8.63
C SER C 104 11.16 0.09 -8.23
N GLY C 105 11.03 1.29 -7.77
CA GLY C 105 12.25 1.96 -7.39
C GLY C 105 12.25 3.33 -7.97
N ILE C 106 11.62 3.44 -9.13
CA ILE C 106 11.49 4.64 -9.88
C ILE C 106 10.38 5.44 -9.37
N GLY C 107 10.71 6.58 -8.93
CA GLY C 107 9.75 7.47 -8.42
C GLY C 107 9.54 8.47 -9.50
N PRO C 108 8.88 9.59 -9.18
CA PRO C 108 8.64 10.60 -10.20
C PRO C 108 9.91 11.36 -10.54
N SER C 109 10.52 11.86 -9.44
CA SER C 109 11.73 12.62 -9.50
C SER C 109 12.72 11.94 -10.39
N ALA C 110 12.79 10.67 -10.10
CA ALA C 110 13.67 9.92 -10.88
C ALA C 110 13.11 9.68 -12.25
N ALA C 111 11.82 9.48 -12.32
CA ALA C 111 11.17 9.23 -13.59
C ALA C 111 11.51 10.34 -14.53
N ARG C 112 11.40 11.56 -13.99
CA ARG C 112 11.70 12.77 -14.75
C ARG C 112 13.12 12.88 -15.19
N LYS C 113 14.03 12.78 -14.23
CA LYS C 113 15.44 12.87 -14.48
C LYS C 113 15.88 11.90 -15.61
N PHE C 114 15.36 10.68 -15.63
CA PHE C 114 15.73 9.72 -16.67
C PHE C 114 15.34 10.21 -18.03
N VAL C 115 14.16 10.70 -18.07
CA VAL C 115 13.54 11.23 -19.23
C VAL C 115 14.40 12.28 -19.78
N ASP C 116 14.84 13.04 -18.77
CA ASP C 116 15.69 14.11 -19.04
C ASP C 116 16.79 13.71 -19.84
N GLU C 117 17.44 12.73 -19.30
CA GLU C 117 18.54 12.25 -20.03
C GLU C 117 18.06 11.58 -21.33
N GLY C 118 16.79 11.25 -21.41
CA GLY C 118 16.29 10.58 -22.62
C GLY C 118 15.89 9.07 -22.41
N ILE C 119 15.76 8.67 -21.13
CA ILE C 119 15.39 7.32 -20.89
C ILE C 119 13.93 7.31 -20.80
N LYS C 120 13.34 6.76 -21.80
CA LYS C 120 11.93 6.73 -21.83
C LYS C 120 11.42 5.37 -21.81
N THR C 121 12.02 4.60 -22.62
CA THR C 121 11.68 3.22 -22.77
C THR C 121 12.35 2.23 -21.80
N LEU C 122 11.72 1.09 -21.75
CA LEU C 122 12.13 0.01 -20.94
C LEU C 122 13.48 -0.46 -21.38
N GLU C 123 13.67 -0.42 -22.67
CA GLU C 123 14.95 -0.82 -23.17
C GLU C 123 16.01 0.22 -22.75
N ASP C 124 15.58 1.48 -22.78
CA ASP C 124 16.44 2.56 -22.45
C ASP C 124 16.96 2.29 -21.09
N LEU C 125 16.05 1.87 -20.31
CA LEU C 125 16.42 1.56 -19.00
C LEU C 125 17.48 0.46 -18.93
N ARG C 126 17.40 -0.40 -19.90
CA ARG C 126 18.33 -1.50 -19.98
C ARG C 126 19.72 -1.11 -20.35
N LYS C 127 19.82 -0.39 -21.47
CA LYS C 127 21.10 0.05 -21.93
C LYS C 127 21.72 0.93 -20.89
N ASN C 128 21.05 1.25 -19.81
CA ASN C 128 21.66 2.10 -18.84
C ASN C 128 21.46 1.58 -17.46
N GLU C 129 21.50 0.28 -17.35
CA GLU C 129 21.30 -0.31 -16.08
C GLU C 129 22.15 0.26 -14.99
N ASP C 130 23.23 0.93 -15.42
CA ASP C 130 24.26 1.59 -14.62
C ASP C 130 23.81 2.81 -13.85
N LYS C 131 22.89 3.52 -14.50
CA LYS C 131 22.34 4.71 -13.93
C LYS C 131 21.34 4.40 -12.85
N LEU C 132 21.02 3.12 -12.79
CA LEU C 132 20.07 2.63 -11.85
C LEU C 132 20.69 2.03 -10.59
N ASN C 133 20.07 2.14 -9.43
CA ASN C 133 20.61 1.55 -8.22
C ASN C 133 20.06 0.15 -8.05
N HIS C 134 20.47 -0.57 -7.01
CA HIS C 134 19.98 -1.92 -6.83
C HIS C 134 18.46 -2.10 -6.95
N HIS C 135 17.74 -1.34 -6.11
CA HIS C 135 16.31 -1.39 -6.06
C HIS C 135 15.76 -1.36 -7.45
N GLN C 136 16.11 -0.34 -8.16
CA GLN C 136 15.64 -0.24 -9.52
C GLN C 136 16.20 -1.24 -10.50
N ARG C 137 17.25 -1.88 -10.10
CA ARG C 137 17.80 -2.83 -10.98
C ARG C 137 16.96 -4.09 -10.90
N ILE C 138 16.69 -4.47 -9.69
CA ILE C 138 15.90 -5.60 -9.50
C ILE C 138 14.52 -5.24 -9.99
N GLY C 139 14.09 -4.01 -9.70
CA GLY C 139 12.79 -3.58 -10.10
C GLY C 139 12.62 -3.74 -11.59
N LEU C 140 13.64 -3.32 -12.29
CA LEU C 140 13.61 -3.42 -13.73
C LEU C 140 13.81 -4.87 -14.18
N LYS C 141 14.53 -5.60 -13.39
CA LYS C 141 14.78 -6.97 -13.70
C LYS C 141 13.51 -7.79 -13.71
N TYR C 142 12.75 -7.71 -12.60
CA TYR C 142 11.49 -8.44 -12.42
C TYR C 142 10.27 -7.61 -12.83
N PHE C 143 10.45 -6.68 -13.77
CA PHE C 143 9.39 -5.82 -14.27
C PHE C 143 8.08 -6.57 -14.57
N GLY C 144 8.21 -7.70 -15.30
CA GLY C 144 7.06 -8.55 -15.66
C GLY C 144 6.50 -9.12 -14.36
N ASP C 145 7.11 -10.15 -13.75
CA ASP C 145 6.65 -10.72 -12.52
C ASP C 145 6.17 -9.69 -11.50
N PHE C 146 6.63 -8.48 -11.57
CA PHE C 146 6.15 -7.57 -10.57
C PHE C 146 4.77 -7.03 -10.74
N GLU C 147 4.36 -7.00 -11.99
CA GLU C 147 3.04 -6.50 -12.31
C GLU C 147 1.90 -7.49 -12.18
N LYS C 148 2.24 -8.79 -12.23
CA LYS C 148 1.30 -9.90 -12.14
C LYS C 148 0.77 -10.08 -10.74
N ARG C 149 -0.48 -10.62 -10.64
CA ARG C 149 -1.10 -10.85 -9.34
C ARG C 149 -0.65 -12.18 -8.75
N ILE C 150 -0.88 -12.45 -7.44
CA ILE C 150 -0.45 -13.74 -6.82
C ILE C 150 -1.62 -14.70 -6.53
N PRO C 151 -1.86 -15.76 -7.41
CA PRO C 151 -2.94 -16.70 -7.19
C PRO C 151 -2.83 -17.25 -5.81
N ARG C 152 -3.96 -17.25 -5.10
CA ARG C 152 -4.02 -17.73 -3.76
C ARG C 152 -3.41 -19.12 -3.66
N GLU C 153 -3.65 -19.95 -4.69
CA GLU C 153 -3.16 -21.32 -4.81
C GLU C 153 -1.72 -21.35 -4.34
N GLU C 154 -0.93 -20.36 -4.93
CA GLU C 154 0.51 -20.04 -4.73
C GLU C 154 0.70 -19.40 -3.38
N MET C 155 -0.27 -18.55 -3.06
CA MET C 155 -0.33 -17.82 -1.82
C MET C 155 -0.26 -18.76 -0.64
N LEU C 156 -0.90 -19.90 -0.84
CA LEU C 156 -0.94 -20.95 0.14
C LEU C 156 0.42 -21.70 0.31
N GLN C 157 1.08 -21.99 -0.86
CA GLN C 157 2.35 -22.68 -0.77
C GLN C 157 3.42 -21.84 -0.13
N MET C 158 3.42 -20.58 -0.51
CA MET C 158 4.35 -19.59 0.01
C MET C 158 4.20 -19.49 1.51
N GLN C 159 2.93 -19.29 1.88
CA GLN C 159 2.67 -19.17 3.27
C GLN C 159 3.14 -20.37 4.01
N ASP C 160 2.92 -21.49 3.39
CA ASP C 160 3.35 -22.73 4.00
C ASP C 160 4.83 -22.70 4.35
N ILE C 161 5.61 -22.47 3.31
CA ILE C 161 7.03 -22.43 3.48
C ILE C 161 7.47 -21.44 4.51
N VAL C 162 6.97 -20.21 4.41
CA VAL C 162 7.41 -19.28 5.38
C VAL C 162 7.17 -19.72 6.77
N LEU C 163 6.04 -20.36 6.95
CA LEU C 163 5.72 -20.81 8.28
C LEU C 163 6.68 -21.73 8.91
N ASN C 164 7.08 -22.65 8.07
CA ASN C 164 8.01 -23.65 8.47
C ASN C 164 9.40 -23.19 8.89
N GLU C 165 10.05 -22.38 8.06
CA GLU C 165 11.34 -22.00 8.45
C GLU C 165 11.30 -21.22 9.69
N VAL C 166 10.35 -20.33 9.78
CA VAL C 166 10.21 -19.52 10.95
C VAL C 166 10.17 -20.34 12.20
N LYS C 167 9.39 -21.41 12.13
CA LYS C 167 9.28 -22.26 13.26
C LYS C 167 10.54 -23.00 13.39
N LYS C 168 11.09 -23.34 12.20
CA LYS C 168 12.35 -24.08 12.11
C LYS C 168 13.46 -23.44 12.84
N VAL C 169 13.62 -22.15 12.66
CA VAL C 169 14.68 -21.41 13.34
C VAL C 169 14.34 -21.32 14.84
N ASP C 170 13.41 -20.52 15.23
CA ASP C 170 13.16 -20.51 16.62
C ASP C 170 11.77 -20.95 16.60
N SER C 171 11.39 -21.64 17.66
CA SER C 171 10.04 -22.12 17.76
C SER C 171 9.17 -21.12 18.38
N GLU C 172 9.79 -20.15 19.02
CA GLU C 172 9.09 -19.09 19.68
C GLU C 172 8.48 -18.04 18.74
N TYR C 173 8.87 -18.05 17.46
CA TYR C 173 8.37 -17.11 16.45
C TYR C 173 6.89 -17.24 16.17
N ILE C 174 6.29 -16.09 15.99
CA ILE C 174 4.90 -15.98 15.68
C ILE C 174 4.79 -15.20 14.36
N ALA C 175 4.15 -15.83 13.36
CA ALA C 175 4.05 -15.13 12.10
C ALA C 175 2.70 -15.14 11.41
N THR C 176 2.31 -14.03 10.86
CA THR C 176 1.06 -14.02 10.19
C THR C 176 1.10 -13.36 8.87
N VAL C 177 0.73 -14.11 7.86
CA VAL C 177 0.69 -13.51 6.60
C VAL C 177 -0.64 -12.79 6.62
N CYS C 178 -0.56 -11.44 6.69
CA CYS C 178 -1.69 -10.49 6.74
C CYS C 178 -2.12 -10.00 5.36
N GLY C 179 -3.01 -8.97 5.31
CA GLY C 179 -3.44 -8.49 3.99
C GLY C 179 -4.64 -9.26 3.45
N SER C 180 -4.94 -9.08 2.14
CA SER C 180 -6.05 -9.70 1.37
C SER C 180 -6.10 -11.23 1.35
N PHE C 181 -4.94 -11.85 1.33
CA PHE C 181 -4.84 -13.26 1.36
C PHE C 181 -5.45 -13.67 2.67
N ARG C 182 -5.13 -12.90 3.73
CA ARG C 182 -5.63 -13.14 5.08
C ARG C 182 -7.14 -13.00 5.07
N ARG C 183 -7.65 -11.98 4.35
CA ARG C 183 -9.08 -11.71 4.23
C ARG C 183 -9.78 -12.56 3.17
N GLY C 184 -9.24 -13.73 2.79
CA GLY C 184 -9.82 -14.61 1.80
C GLY C 184 -9.43 -14.45 0.31
N ALA C 185 -9.26 -13.21 -0.13
CA ALA C 185 -8.91 -12.82 -1.49
C ALA C 185 -8.31 -13.85 -2.42
N GLU C 186 -9.02 -14.12 -3.52
CA GLU C 186 -8.56 -15.08 -4.52
C GLU C 186 -7.14 -14.83 -5.07
N SER C 187 -6.71 -13.56 -4.97
CA SER C 187 -5.39 -13.19 -5.47
C SER C 187 -4.74 -12.06 -4.69
N SER C 188 -3.42 -12.04 -4.74
CA SER C 188 -2.78 -11.01 -4.00
C SER C 188 -1.65 -10.34 -4.80
N GLY C 189 -1.12 -9.16 -4.35
CA GLY C 189 -0.07 -8.50 -5.11
C GLY C 189 1.36 -8.79 -4.60
N ASP C 190 1.51 -8.77 -3.29
CA ASP C 190 2.80 -9.04 -2.70
C ASP C 190 2.52 -9.74 -1.47
N MET C 191 3.41 -10.48 -0.87
CA MET C 191 2.95 -11.08 0.35
C MET C 191 3.49 -10.33 1.56
N ASP C 192 2.65 -10.09 2.63
CA ASP C 192 3.08 -9.37 3.87
C ASP C 192 3.03 -10.18 5.13
N VAL C 193 4.17 -10.59 5.57
CA VAL C 193 4.21 -11.35 6.77
C VAL C 193 4.46 -10.52 8.02
N LEU C 194 3.68 -10.66 9.05
CA LEU C 194 3.96 -9.86 10.23
C LEU C 194 4.66 -10.70 11.22
N LEU C 195 5.79 -10.29 11.58
CA LEU C 195 6.50 -11.09 12.52
C LEU C 195 6.64 -10.53 13.89
N THR C 196 6.88 -11.47 14.81
CA THR C 196 7.06 -11.11 16.21
C THR C 196 7.75 -12.16 16.96
N HIS C 197 8.03 -11.82 18.17
CA HIS C 197 8.72 -12.74 19.00
C HIS C 197 8.54 -12.23 20.40
N PRO C 198 8.56 -13.18 21.36
CA PRO C 198 8.37 -12.94 22.78
C PRO C 198 9.46 -12.16 23.46
N SER C 199 10.62 -12.48 23.02
CA SER C 199 11.80 -11.87 23.52
C SER C 199 11.85 -10.40 23.11
N PHE C 200 10.92 -9.94 22.22
CA PHE C 200 10.87 -8.55 21.72
C PHE C 200 9.53 -7.91 21.79
N THR C 201 9.55 -6.83 22.57
CA THR C 201 8.38 -6.03 22.86
C THR C 201 8.75 -4.61 23.13
N SER C 202 7.78 -3.72 23.20
CA SER C 202 7.92 -2.26 23.46
C SER C 202 9.25 -1.75 24.10
N GLU C 203 9.60 -2.27 25.31
CA GLU C 203 10.83 -1.91 26.02
C GLU C 203 12.09 -2.62 25.51
N SER C 204 12.25 -3.92 25.90
CA SER C 204 13.40 -4.80 25.53
C SER C 204 14.17 -4.36 24.30
N THR C 205 15.17 -3.52 24.55
CA THR C 205 15.98 -3.00 23.48
C THR C 205 16.40 -3.99 22.43
N LYS C 206 15.57 -4.07 21.45
CA LYS C 206 15.74 -4.94 20.32
C LYS C 206 16.39 -6.33 20.51
N GLN C 207 16.67 -6.83 19.29
CA GLN C 207 17.28 -8.10 18.92
C GLN C 207 17.22 -8.21 17.37
N PRO C 208 17.84 -7.23 16.70
CA PRO C 208 17.92 -7.10 15.24
C PRO C 208 18.09 -8.42 14.57
N LYS C 209 18.86 -9.26 15.25
CA LYS C 209 19.12 -10.57 14.75
C LYS C 209 17.84 -11.23 14.51
N LEU C 210 16.91 -11.03 15.47
CA LEU C 210 15.58 -11.60 15.40
C LEU C 210 15.06 -11.57 13.98
N LEU C 211 15.18 -10.40 13.38
CA LEU C 211 14.71 -10.34 12.03
C LEU C 211 15.59 -11.08 11.06
N HIS C 212 16.89 -10.87 11.29
CA HIS C 212 17.96 -11.41 10.50
C HIS C 212 17.96 -12.89 10.30
N GLN C 213 17.88 -13.58 11.43
CA GLN C 213 17.86 -15.03 11.47
C GLN C 213 16.92 -15.57 10.46
N VAL C 214 15.73 -15.06 10.47
CA VAL C 214 14.75 -15.55 9.53
C VAL C 214 15.06 -15.26 8.09
N VAL C 215 15.45 -14.03 7.84
CA VAL C 215 15.74 -13.66 6.50
C VAL C 215 16.75 -14.62 5.88
N GLU C 216 17.76 -14.86 6.69
CA GLU C 216 18.83 -15.74 6.36
C GLU C 216 18.31 -17.12 6.00
N GLN C 217 17.50 -17.65 6.86
CA GLN C 217 16.96 -18.93 6.63
C GLN C 217 16.20 -18.97 5.28
N LEU C 218 15.22 -18.07 5.09
CA LEU C 218 14.43 -18.04 3.86
C LEU C 218 15.28 -17.97 2.66
N GLN C 219 16.41 -17.45 2.87
CA GLN C 219 17.36 -17.33 1.82
C GLN C 219 18.07 -18.65 1.60
N LYS C 220 18.42 -19.21 2.76
CA LYS C 220 19.13 -20.44 2.86
C LYS C 220 18.54 -21.46 1.94
N VAL C 221 17.27 -21.63 2.09
CA VAL C 221 16.53 -22.56 1.32
C VAL C 221 16.25 -22.06 -0.10
N HIS C 222 16.47 -20.79 -0.38
CA HIS C 222 16.21 -20.25 -1.71
C HIS C 222 14.86 -19.75 -1.99
N PHE C 223 14.21 -19.27 -0.93
CA PHE C 223 12.88 -18.71 -1.06
C PHE C 223 13.00 -17.23 -1.44
N ILE C 224 13.85 -16.50 -0.70
CA ILE C 224 14.08 -15.10 -0.95
C ILE C 224 15.20 -15.06 -1.86
N THR C 225 14.97 -14.58 -3.04
CA THR C 225 16.06 -14.50 -3.99
C THR C 225 16.84 -13.22 -3.95
N ASP C 226 16.18 -12.14 -3.50
CA ASP C 226 16.90 -10.91 -3.47
C ASP C 226 16.37 -10.05 -2.43
N THR C 227 17.28 -9.17 -2.02
CA THR C 227 17.01 -8.16 -1.00
C THR C 227 16.84 -6.74 -1.63
N LEU C 228 15.72 -6.09 -1.43
CA LEU C 228 15.40 -4.78 -1.95
C LEU C 228 15.84 -3.84 -0.87
N SER C 229 15.64 -4.24 0.36
CA SER C 229 16.02 -3.44 1.48
C SER C 229 15.79 -4.21 2.77
N LYS C 230 16.78 -4.21 3.58
CA LYS C 230 16.60 -4.92 4.81
C LYS C 230 17.06 -4.07 5.97
N GLY C 231 16.26 -3.90 6.98
CA GLY C 231 16.79 -3.09 8.03
C GLY C 231 16.64 -3.95 9.22
N GLU C 232 16.85 -3.37 10.39
CA GLU C 232 16.71 -4.13 11.60
C GLU C 232 15.29 -4.25 12.06
N THR C 233 14.37 -3.97 11.14
CA THR C 233 12.96 -4.08 11.49
C THR C 233 12.03 -4.32 10.36
N LYS C 234 12.53 -4.13 9.16
CA LYS C 234 11.73 -4.35 8.01
C LYS C 234 12.55 -4.74 6.83
N PHE C 235 12.35 -5.98 6.45
CA PHE C 235 13.03 -6.56 5.33
C PHE C 235 12.15 -6.23 4.18
N MET C 236 12.59 -6.24 2.93
CA MET C 236 11.73 -5.93 1.76
C MET C 236 12.36 -6.66 0.58
N GLY C 237 11.79 -7.78 0.04
CA GLY C 237 12.47 -8.41 -1.04
C GLY C 237 11.66 -8.92 -2.20
N VAL C 238 12.21 -10.01 -2.71
CA VAL C 238 11.73 -10.82 -3.82
C VAL C 238 11.88 -12.32 -3.39
N CYS C 239 10.91 -13.14 -3.85
CA CYS C 239 10.88 -14.59 -3.60
C CYS C 239 10.38 -15.34 -4.80
N GLN C 240 10.43 -16.66 -4.68
CA GLN C 240 10.00 -17.54 -5.71
C GLN C 240 9.90 -18.91 -5.23
N LEU C 241 8.88 -19.55 -5.78
CA LEU C 241 8.60 -20.91 -5.44
C LEU C 241 9.32 -21.78 -6.38
N PRO C 242 9.98 -22.68 -5.76
CA PRO C 242 10.78 -23.70 -6.29
C PRO C 242 10.07 -24.22 -7.41
N SER C 243 10.68 -24.01 -8.56
CA SER C 243 10.18 -24.42 -9.82
C SER C 243 10.37 -25.92 -9.89
N LYS C 244 9.25 -26.62 -9.70
CA LYS C 244 8.99 -28.06 -9.64
C LYS C 244 9.96 -28.99 -10.43
N ASN C 245 9.25 -29.98 -10.94
CA ASN C 245 9.83 -31.00 -11.75
C ASN C 245 9.68 -30.55 -13.19
N ASP C 246 10.20 -29.34 -13.33
CA ASP C 246 10.31 -28.45 -14.50
C ASP C 246 9.38 -28.53 -15.66
N GLU C 247 9.29 -27.33 -16.33
CA GLU C 247 8.46 -27.01 -17.46
C GLU C 247 7.66 -25.75 -17.18
N LYS C 248 7.60 -25.48 -15.86
CA LYS C 248 6.89 -24.34 -15.30
C LYS C 248 7.62 -23.76 -14.13
N GLU C 249 8.23 -22.58 -14.32
CA GLU C 249 8.95 -21.91 -13.24
C GLU C 249 8.09 -20.80 -12.70
N TYR C 250 8.19 -20.57 -11.39
CA TYR C 250 7.42 -19.55 -10.76
C TYR C 250 7.76 -18.08 -11.00
N PRO C 251 6.89 -17.11 -10.72
CA PRO C 251 7.28 -15.75 -10.96
C PRO C 251 7.88 -15.17 -9.73
N HIS C 252 8.74 -14.14 -9.90
CA HIS C 252 9.39 -13.47 -8.81
C HIS C 252 8.37 -12.59 -8.18
N ARG C 253 8.23 -12.79 -6.86
CA ARG C 253 7.29 -12.08 -6.09
C ARG C 253 7.84 -11.18 -5.01
N ARG C 254 7.12 -10.14 -4.78
CA ARG C 254 7.51 -9.18 -3.79
C ARG C 254 7.20 -9.64 -2.37
N ILE C 255 8.05 -9.48 -1.43
CA ILE C 255 7.64 -9.93 -0.13
C ILE C 255 8.16 -9.00 0.92
N ASP C 256 7.41 -8.83 2.02
CA ASP C 256 7.85 -7.94 3.10
C ASP C 256 7.62 -8.61 4.41
N ILE C 257 8.59 -8.45 5.26
CA ILE C 257 8.52 -9.05 6.57
C ILE C 257 8.94 -7.97 7.55
N ARG C 258 8.20 -7.85 8.64
CA ARG C 258 8.52 -6.85 9.65
C ARG C 258 8.53 -7.34 11.06
N LEU C 259 9.55 -6.98 11.78
CA LEU C 259 9.58 -7.43 13.14
C LEU C 259 8.58 -6.58 13.96
N ILE C 260 8.03 -7.15 15.03
CA ILE C 260 7.07 -6.44 15.87
C ILE C 260 7.15 -6.87 17.31
N PRO C 261 7.20 -5.84 18.14
CA PRO C 261 7.28 -6.04 19.55
C PRO C 261 5.98 -6.67 19.95
N LYS C 262 6.11 -7.99 20.32
CA LYS C 262 4.99 -8.83 20.75
C LYS C 262 3.84 -8.09 21.49
N ASP C 263 4.15 -7.03 22.20
CA ASP C 263 3.05 -6.37 22.87
C ASP C 263 2.30 -5.34 21.96
N GLN C 264 2.29 -5.61 20.66
CA GLN C 264 1.66 -4.80 19.65
C GLN C 264 1.39 -5.49 18.35
N TYR C 265 1.51 -6.82 18.39
CA TYR C 265 1.26 -7.65 17.24
C TYR C 265 -0.23 -7.45 16.77
N TYR C 266 -1.21 -8.11 17.44
CA TYR C 266 -2.64 -8.05 17.15
C TYR C 266 -3.15 -6.76 16.63
N CYS C 267 -2.79 -5.64 17.24
CA CYS C 267 -3.28 -4.36 16.72
C CYS C 267 -2.83 -4.19 15.33
N GLY C 268 -1.51 -4.30 15.22
CA GLY C 268 -0.86 -4.18 13.93
C GLY C 268 -1.44 -5.26 13.03
N VAL C 269 -1.51 -6.47 13.59
CA VAL C 269 -2.05 -7.57 12.87
C VAL C 269 -3.45 -7.21 12.44
N LEU C 270 -4.22 -6.60 13.36
CA LEU C 270 -5.56 -6.22 13.03
C LEU C 270 -5.55 -5.40 11.82
N TYR C 271 -4.85 -4.35 12.03
CA TYR C 271 -4.62 -3.31 11.11
C TYR C 271 -4.30 -3.65 9.67
N PHE C 272 -3.17 -4.27 9.46
CA PHE C 272 -2.73 -4.66 8.12
C PHE C 272 -3.65 -5.54 7.42
N THR C 273 -4.51 -6.19 8.18
CA THR C 273 -5.46 -7.06 7.57
C THR C 273 -6.59 -6.25 6.93
N GLY C 274 -6.81 -5.04 7.46
CA GLY C 274 -7.88 -4.24 6.89
C GLY C 274 -9.28 -4.87 7.08
N SER C 275 -10.20 -4.62 6.11
CA SER C 275 -9.87 -3.81 4.94
C SER C 275 -9.65 -2.38 5.32
N ASP C 276 -9.32 -1.57 4.31
CA ASP C 276 -9.10 -0.18 4.56
C ASP C 276 -10.32 0.41 5.24
N ILE C 277 -11.50 -0.01 4.75
CA ILE C 277 -12.76 0.45 5.34
C ILE C 277 -13.06 -0.18 6.69
N PHE C 278 -12.97 -1.50 6.77
CA PHE C 278 -13.25 -2.17 8.00
C PHE C 278 -12.49 -1.59 9.17
N ASN C 279 -11.28 -1.24 8.82
CA ASN C 279 -10.41 -0.64 9.79
C ASN C 279 -10.99 0.66 10.29
N LYS C 280 -11.17 1.59 9.35
CA LYS C 280 -11.74 2.88 9.66
C LYS C 280 -12.98 2.72 10.46
N ASN C 281 -13.91 1.96 9.91
CA ASN C 281 -15.15 1.73 10.58
C ASN C 281 -14.93 1.21 11.96
N MET C 282 -14.07 0.21 12.08
CA MET C 282 -13.84 -0.30 13.40
C MET C 282 -13.29 0.80 14.26
N ARG C 283 -12.43 1.56 13.58
CA ARG C 283 -11.75 2.69 14.16
C ARG C 283 -12.68 3.74 14.68
N ALA C 284 -13.67 4.05 13.86
CA ALA C 284 -14.67 5.03 14.20
C ALA C 284 -15.46 4.54 15.37
N HIS C 285 -15.71 3.25 15.43
CA HIS C 285 -16.45 2.74 16.53
C HIS C 285 -15.80 2.78 17.94
N ALA C 286 -14.55 2.32 18.03
CA ALA C 286 -13.85 2.31 19.30
C ALA C 286 -13.87 3.65 20.00
N LEU C 287 -14.06 4.72 19.16
CA LEU C 287 -14.10 6.16 19.47
C LEU C 287 -15.26 6.60 20.33
N GLU C 288 -16.38 5.98 20.01
CA GLU C 288 -17.61 6.18 20.70
C GLU C 288 -17.49 5.33 21.93
N LYS C 289 -17.12 4.05 21.66
CA LYS C 289 -16.94 3.04 22.69
C LYS C 289 -15.87 3.38 23.74
N GLY C 290 -15.46 4.68 23.72
CA GLY C 290 -14.46 5.26 24.61
C GLY C 290 -13.02 4.83 24.33
N PHE C 291 -12.67 4.69 23.04
CA PHE C 291 -11.32 4.27 22.73
C PHE C 291 -10.64 4.97 21.61
N THR C 292 -9.46 4.44 21.39
CA THR C 292 -8.57 4.86 20.35
C THR C 292 -7.72 3.69 19.86
N ILE C 293 -7.67 3.54 18.57
CA ILE C 293 -6.93 2.46 17.96
C ILE C 293 -6.08 3.01 16.87
N ASN C 294 -4.86 2.52 16.82
CA ASN C 294 -3.84 2.86 15.86
C ASN C 294 -3.02 1.66 15.59
N GLU C 295 -2.30 1.68 14.50
CA GLU C 295 -1.46 0.58 14.11
C GLU C 295 -0.70 -0.19 15.26
N TYR C 296 -0.68 0.37 16.51
CA TYR C 296 0.02 -0.34 17.55
C TYR C 296 -0.70 -0.60 18.81
N THR C 297 -1.71 0.19 19.14
CA THR C 297 -2.42 -0.05 20.41
C THR C 297 -3.87 0.44 20.48
N ILE C 298 -4.37 0.48 21.68
CA ILE C 298 -5.72 0.90 21.88
C ILE C 298 -5.86 1.38 23.29
N ARG C 299 -5.83 2.70 23.37
CA ARG C 299 -5.92 3.41 24.62
C ARG C 299 -7.33 3.95 24.97
N PRO C 300 -7.74 3.61 26.21
CA PRO C 300 -9.02 4.05 26.69
C PRO C 300 -9.00 5.54 26.68
N LEU C 301 -10.08 6.07 26.15
CA LEU C 301 -10.26 7.50 26.03
C LEU C 301 -10.70 8.19 27.32
N GLY C 302 -10.16 9.38 27.55
CA GLY C 302 -10.44 10.20 28.71
C GLY C 302 -11.19 11.46 28.31
N VAL C 303 -12.17 11.85 29.12
CA VAL C 303 -12.97 13.03 28.84
C VAL C 303 -12.30 14.41 28.60
N THR C 304 -11.10 14.69 29.18
CA THR C 304 -10.37 15.98 29.03
C THR C 304 -10.07 16.38 27.57
N GLY C 305 -10.51 15.48 26.73
CA GLY C 305 -10.36 15.63 25.33
C GLY C 305 -9.70 14.40 24.85
N VAL C 306 -8.55 14.11 25.53
CA VAL C 306 -7.71 12.95 25.22
C VAL C 306 -7.25 12.22 26.44
N ALA C 307 -6.58 11.13 26.15
CA ALA C 307 -6.03 10.27 27.16
C ALA C 307 -5.15 9.19 26.53
N GLY C 308 -4.34 8.52 27.40
CA GLY C 308 -3.40 7.45 27.05
C GLY C 308 -3.62 6.19 27.88
N GLU C 309 -2.57 5.35 28.01
CA GLU C 309 -2.64 4.12 28.80
C GLU C 309 -2.90 2.79 28.13
N PRO C 310 -2.20 2.52 27.03
CA PRO C 310 -2.23 1.31 26.19
C PRO C 310 -2.72 -0.01 26.82
N LEU C 311 -3.88 -0.44 26.36
CA LEU C 311 -4.50 -1.64 26.85
C LEU C 311 -3.77 -2.91 26.44
N PRO C 312 -3.94 -3.97 27.26
CA PRO C 312 -3.35 -5.28 27.07
C PRO C 312 -4.07 -6.17 26.06
N VAL C 313 -3.37 -6.42 24.94
CA VAL C 313 -3.84 -7.23 23.83
C VAL C 313 -3.19 -8.66 23.65
N ASP C 314 -4.00 -9.74 23.65
CA ASP C 314 -3.48 -11.09 23.47
C ASP C 314 -3.98 -11.80 22.23
N SER C 315 -4.90 -11.13 21.55
CA SER C 315 -5.47 -11.65 20.33
C SER C 315 -6.45 -10.71 19.73
N GLU C 316 -6.69 -10.86 18.42
CA GLU C 316 -7.59 -10.05 17.65
C GLU C 316 -8.87 -9.77 18.38
N LYS C 317 -9.21 -10.76 19.22
CA LYS C 317 -10.39 -10.73 20.05
C LYS C 317 -10.37 -9.58 21.03
N ASP C 318 -9.35 -9.57 21.93
CA ASP C 318 -9.17 -8.53 22.95
C ASP C 318 -9.56 -7.15 22.47
N ILE C 319 -9.11 -6.84 21.29
CA ILE C 319 -9.42 -5.57 20.68
C ILE C 319 -10.93 -5.48 20.43
N PHE C 320 -11.51 -6.56 19.88
CA PHE C 320 -12.90 -6.62 19.59
C PHE C 320 -13.62 -6.37 20.86
N ASP C 321 -13.44 -7.33 21.80
CA ASP C 321 -14.04 -7.25 23.14
C ASP C 321 -13.92 -5.87 23.74
N TYR C 322 -12.74 -5.27 23.52
CA TYR C 322 -12.49 -3.99 24.04
C TYR C 322 -13.59 -3.08 23.64
N ILE C 323 -13.66 -2.76 22.37
CA ILE C 323 -14.66 -1.88 21.89
C ILE C 323 -16.00 -2.48 21.90
N GLN C 324 -16.07 -3.69 22.46
CA GLN C 324 -17.31 -4.47 22.58
C GLN C 324 -18.01 -4.77 21.22
N TRP C 325 -17.32 -5.49 20.35
CA TRP C 325 -17.85 -5.83 19.07
C TRP C 325 -17.88 -7.31 18.87
N LYS C 326 -18.49 -7.61 17.74
CA LYS C 326 -18.64 -8.98 17.32
C LYS C 326 -17.36 -9.38 16.64
N TYR C 327 -16.73 -10.46 17.12
CA TYR C 327 -15.50 -10.85 16.46
C TYR C 327 -15.84 -11.11 15.00
N ARG C 328 -15.07 -10.48 14.12
CA ARG C 328 -15.27 -10.64 12.72
C ARG C 328 -14.13 -11.44 12.12
N GLU C 329 -14.47 -12.47 11.37
CA GLU C 329 -13.46 -13.24 10.76
C GLU C 329 -12.80 -12.35 9.74
N PRO C 330 -11.59 -12.70 9.41
CA PRO C 330 -10.89 -11.95 8.46
C PRO C 330 -11.67 -11.96 7.19
N LYS C 331 -12.23 -13.15 6.92
CA LYS C 331 -13.02 -13.38 5.75
C LYS C 331 -13.99 -12.21 5.51
N ASP C 332 -14.69 -11.86 6.60
CA ASP C 332 -15.68 -10.78 6.60
C ASP C 332 -15.24 -9.40 7.11
N ARG C 333 -13.95 -9.07 6.97
CA ARG C 333 -13.40 -7.77 7.39
C ARG C 333 -13.53 -6.82 6.20
N SER C 334 -14.31 -7.28 5.25
CA SER C 334 -14.52 -6.53 4.05
C SER C 334 -14.84 -5.05 4.17
N GLU C 335 -15.48 -4.67 5.29
CA GLU C 335 -15.81 -3.25 5.52
C GLU C 335 -16.42 -3.01 6.86
MN MN D . -0.36 -6.97 0.10
NA NA E . 7.95 2.92 -8.93
NA NA F . -15.73 28.73 -3.35
PG DGT G . -3.07 -7.03 -2.07
O1G DGT G . -2.49 -8.09 -1.22
O2G DGT G . -4.16 -7.38 -3.03
O3G DGT G . -1.90 -6.36 -2.85
O3B DGT G . -3.56 -5.80 -1.13
PB DGT G . -3.53 -5.59 0.45
O1B DGT G . -4.89 -5.31 0.94
O2B DGT G . -2.79 -6.70 1.11
O3A DGT G . -2.71 -4.18 0.55
PA DGT G . -1.23 -3.79 1.00
O1A DGT G . -0.32 -4.66 0.23
O2A DGT G . -1.05 -2.30 0.88
O5' DGT G . -1.21 -4.24 2.54
#